data_6Z82
#
_entry.id   6Z82
#
_cell.length_a   62.660
_cell.length_b   62.660
_cell.length_c   72.645
_cell.angle_alpha   90.000
_cell.angle_beta   90.000
_cell.angle_gamma   120.000
#
_symmetry.space_group_name_H-M   'P 32 2 1'
#
loop_
_entity.id
_entity.type
_entity.pdbx_description
1 polymer 'S-norcoclaurine synthase'
2 non-polymer 4-[2-[(phenylmethyl)amino]ethyl]benzene-1,2-diol
3 water water
#
_entity_poly.entity_id   1
_entity_poly.type   'polypeptide(L)'
_entity_poly.pdbx_seq_one_letter_code
;SMGIINQVSTVTKVIHHELEVAASADDIWTVYSWPGLAKHLPDLLPGAFEKLEIIGDGGVGTILDVTFVPGEFPHEYKEK
FILVDNEHRLKKVQMIEGGYLDLGVTYYMDTIHVVPTGKDSCVIKSSTEYHVKPEFVKIVEPLITTGPLAAMADAISKLV
LEHKS
;
_entity_poly.pdbx_strand_id   A
#
loop_
_chem_comp.id
_chem_comp.type
_chem_comp.name
_chem_comp.formula
QBW non-polymer 4-[2-[(phenylmethyl)amino]ethyl]benzene-1,2-diol 'C15 H17 N O2'
#
# COMPACT_ATOMS: atom_id res chain seq x y z
N GLN A 7 -13.55 -19.76 22.01
CA GLN A 7 -12.93 -18.76 21.09
C GLN A 7 -13.12 -19.17 19.60
N VAL A 8 -14.02 -18.47 18.89
CA VAL A 8 -14.38 -18.80 17.47
C VAL A 8 -13.28 -18.31 16.50
N SER A 9 -13.15 -18.98 15.36
CA SER A 9 -12.01 -18.82 14.47
C SER A 9 -11.99 -17.37 13.95
N THR A 10 -10.81 -16.77 13.89
CA THR A 10 -10.53 -15.47 13.21
C THR A 10 -10.94 -15.65 11.73
N VAL A 11 -11.49 -14.61 11.10
CA VAL A 11 -11.78 -14.61 9.64
C VAL A 11 -10.64 -13.96 8.82
N THR A 12 -10.25 -14.58 7.71
CA THR A 12 -9.23 -14.03 6.78
C THR A 12 -9.92 -13.51 5.52
N LYS A 13 -9.54 -12.32 5.07
CA LYS A 13 -10.11 -11.62 3.90
C LYS A 13 -8.94 -11.16 3.03
N VAL A 14 -9.05 -11.35 1.71
CA VAL A 14 -8.05 -10.84 0.74
C VAL A 14 -8.77 -9.96 -0.27
N ILE A 15 -8.17 -8.81 -0.59
CA ILE A 15 -8.62 -7.95 -1.72
C ILE A 15 -7.45 -7.77 -2.69
N HIS A 16 -7.74 -7.61 -3.99
CA HIS A 16 -6.78 -7.67 -5.11
C HIS A 16 -7.15 -6.56 -6.07
N HIS A 17 -6.15 -5.82 -6.56
CA HIS A 17 -6.26 -4.80 -7.63
C HIS A 17 -5.08 -5.03 -8.59
N GLU A 18 -5.28 -4.77 -9.86
CA GLU A 18 -4.22 -4.85 -10.91
C GLU A 18 -4.29 -3.63 -11.80
N LEU A 19 -3.13 -3.08 -12.20
CA LEU A 19 -3.03 -1.94 -13.14
C LEU A 19 -2.00 -2.29 -14.22
N GLU A 20 -2.48 -2.50 -15.46
CA GLU A 20 -1.65 -2.65 -16.69
C GLU A 20 -0.84 -1.37 -16.88
N VAL A 21 0.46 -1.48 -17.14
CA VAL A 21 1.30 -0.29 -17.46
C VAL A 21 2.19 -0.56 -18.68
N ALA A 22 2.31 0.45 -19.55
CA ALA A 22 3.22 0.49 -20.71
C ALA A 22 4.61 1.00 -20.28
N ALA A 23 5.12 0.52 -19.15
CA ALA A 23 6.51 0.72 -18.67
C ALA A 23 7.06 -0.63 -18.16
N SER A 24 8.38 -0.83 -18.33
CA SER A 24 9.02 -2.13 -17.96
C SER A 24 8.88 -2.34 -16.46
N ALA A 25 8.79 -3.61 -16.04
CA ALA A 25 8.63 -3.97 -14.61
C ALA A 25 9.74 -3.31 -13.76
N ASP A 26 10.97 -3.18 -14.28
CA ASP A 26 12.09 -2.50 -13.60
C ASP A 26 11.72 -1.03 -13.29
N ASP A 27 11.29 -0.33 -14.38
CA ASP A 27 11.02 1.13 -14.32
C ASP A 27 10.06 1.37 -13.16
N ILE A 28 9.07 0.49 -12.97
CA ILE A 28 8.01 0.66 -11.94
C ILE A 28 8.49 0.12 -10.57
N TRP A 29 9.29 -0.94 -10.57
CA TRP A 29 9.85 -1.48 -9.30
C TRP A 29 10.81 -0.43 -8.69
N THR A 30 11.59 0.29 -9.52
CA THR A 30 12.64 1.28 -9.09
C THR A 30 12.08 2.43 -8.16
N VAL A 31 10.83 2.81 -8.50
CA VAL A 31 9.94 3.76 -7.74
C VAL A 31 9.36 3.11 -6.46
N TYR A 32 8.63 1.97 -6.57
CA TYR A 32 8.08 1.23 -5.39
C TYR A 32 9.19 0.91 -4.38
N SER A 33 10.41 0.64 -4.82
CA SER A 33 11.57 0.17 -4.00
C SER A 33 12.50 1.35 -3.62
N TRP A 34 12.19 2.57 -4.11
CA TRP A 34 12.94 3.83 -3.86
C TRP A 34 12.82 4.29 -2.41
N PRO A 35 13.92 4.30 -1.61
CA PRO A 35 13.84 4.74 -0.22
C PRO A 35 13.18 6.12 -0.10
N GLY A 36 13.31 6.97 -1.12
CA GLY A 36 12.73 8.33 -1.14
C GLY A 36 11.28 8.35 -1.62
N LEU A 37 10.61 7.21 -1.78
CA LEU A 37 9.20 7.19 -2.24
C LEU A 37 8.29 7.77 -1.15
N ALA A 38 8.43 7.26 0.09
CA ALA A 38 7.70 7.69 1.29
C ALA A 38 7.66 9.22 1.35
N LYS A 39 8.83 9.89 1.34
CA LYS A 39 8.95 11.38 1.44
C LYS A 39 8.25 12.06 0.25
N HIS A 40 8.14 11.39 -0.90
CA HIS A 40 7.49 11.93 -2.13
C HIS A 40 5.96 11.83 -2.06
N LEU A 41 5.37 11.21 -1.03
CA LEU A 41 3.95 10.71 -1.08
C LEU A 41 2.93 11.84 -1.24
N PRO A 42 2.93 12.94 -0.44
CA PRO A 42 2.15 14.14 -0.79
C PRO A 42 2.54 14.77 -2.14
N ASP A 43 3.83 14.70 -2.53
CA ASP A 43 4.33 15.11 -3.88
C ASP A 43 3.77 14.13 -4.92
N LEU A 44 2.66 13.44 -4.62
CA LEU A 44 2.05 12.37 -5.45
C LEU A 44 0.53 12.29 -5.22
N LEU A 45 0.08 12.35 -3.96
CA LEU A 45 -1.35 12.25 -3.57
C LEU A 45 -1.72 13.38 -2.62
N PRO A 46 -1.95 14.60 -3.15
CA PRO A 46 -2.48 15.70 -2.35
C PRO A 46 -3.94 15.42 -1.99
N GLY A 47 -4.44 16.04 -0.92
CA GLY A 47 -5.84 15.91 -0.44
C GLY A 47 -6.01 14.71 0.49
N ALA A 48 -5.30 13.62 0.22
CA ALA A 48 -5.28 12.39 1.06
C ALA A 48 -4.88 12.77 2.49
N PHE A 49 -3.64 13.24 2.67
CA PHE A 49 -2.95 13.32 3.98
C PHE A 49 -3.17 14.70 4.63
N GLU A 50 -3.56 14.70 5.90
CA GLU A 50 -3.35 15.85 6.81
C GLU A 50 -1.84 15.98 7.06
N LYS A 51 -1.14 14.88 7.32
CA LYS A 51 0.27 14.84 7.82
C LYS A 51 0.91 13.47 7.49
N LEU A 52 2.25 13.38 7.49
CA LEU A 52 2.96 12.09 7.26
C LEU A 52 4.38 12.08 7.85
N GLU A 53 4.56 11.81 9.14
CA GLU A 53 5.86 11.55 9.81
C GLU A 53 6.50 10.28 9.22
N ILE A 54 7.81 10.28 8.97
CA ILE A 54 8.62 9.09 8.52
C ILE A 54 9.72 8.83 9.55
N ILE A 55 9.84 7.61 10.04
CA ILE A 55 10.76 7.20 11.14
C ILE A 55 11.71 6.11 10.62
N GLY A 56 12.95 6.53 10.28
CA GLY A 56 13.96 5.71 9.59
C GLY A 56 14.42 6.35 8.23
N ASP A 57 15.33 5.50 7.59
CA ASP A 57 16.04 5.70 6.28
C ASP A 57 15.05 5.79 5.07
N GLY A 58 13.85 5.24 5.16
CA GLY A 58 12.89 5.12 4.02
C GLY A 58 12.91 3.72 3.39
N GLY A 59 13.89 2.88 3.77
CA GLY A 59 14.06 1.48 3.29
C GLY A 59 13.29 0.48 4.17
N VAL A 60 13.59 -0.80 3.99
CA VAL A 60 12.94 -1.86 4.81
C VAL A 60 13.11 -1.46 6.29
N GLY A 61 12.05 -1.62 7.11
CA GLY A 61 12.09 -1.27 8.55
C GLY A 61 11.64 0.15 8.86
N THR A 62 11.47 1.00 7.80
CA THR A 62 10.90 2.35 7.96
C THR A 62 9.44 2.28 8.42
N ILE A 63 9.04 3.21 9.30
CA ILE A 63 7.66 3.38 9.85
C ILE A 63 7.09 4.72 9.37
N LEU A 64 5.86 4.70 8.86
CA LEU A 64 5.06 5.87 8.43
C LEU A 64 3.96 6.07 9.47
N ASP A 65 3.88 7.23 10.13
CA ASP A 65 2.68 7.72 10.86
C ASP A 65 1.85 8.56 9.89
N VAL A 66 0.63 8.13 9.57
CA VAL A 66 -0.23 8.75 8.53
C VAL A 66 -1.50 9.28 9.21
N THR A 67 -1.80 10.56 9.00
CA THR A 67 -3.03 11.22 9.50
C THR A 67 -3.83 11.74 8.30
N PHE A 68 -5.10 11.33 8.20
CA PHE A 68 -6.02 11.77 7.12
C PHE A 68 -6.88 12.98 7.55
N VAL A 69 -7.29 13.75 6.52
CA VAL A 69 -8.05 15.04 6.62
C VAL A 69 -9.35 14.78 7.39
N PRO A 70 -9.66 15.55 8.46
CA PRO A 70 -10.88 15.35 9.23
C PRO A 70 -12.10 14.94 8.38
N GLY A 71 -12.83 13.93 8.86
CA GLY A 71 -14.16 13.53 8.34
C GLY A 71 -14.25 12.04 8.16
N GLU A 72 -13.27 11.46 7.46
CA GLU A 72 -13.28 10.10 6.87
C GLU A 72 -12.48 9.11 7.72
N PHE A 73 -12.81 7.82 7.63
CA PHE A 73 -12.21 6.75 8.46
C PHE A 73 -11.23 5.90 7.65
N PRO A 74 -10.09 5.49 8.22
CA PRO A 74 -9.68 5.89 9.56
C PRO A 74 -9.01 7.27 9.55
N HIS A 75 -8.70 7.73 10.76
CA HIS A 75 -8.11 9.06 11.03
C HIS A 75 -6.61 8.94 10.82
N GLU A 76 -5.98 8.07 11.60
CA GLU A 76 -4.52 7.89 11.77
C GLU A 76 -4.22 6.39 11.61
N TYR A 77 -3.00 6.05 11.24
CA TYR A 77 -2.36 4.73 11.52
C TYR A 77 -0.88 4.77 11.14
N LYS A 78 -0.15 3.78 11.67
CA LYS A 78 1.29 3.56 11.44
C LYS A 78 1.45 2.29 10.58
N GLU A 79 2.24 2.43 9.51
CA GLU A 79 2.63 1.39 8.53
C GLU A 79 4.13 1.16 8.70
N LYS A 80 4.59 -0.05 8.41
CA LYS A 80 6.02 -0.44 8.43
C LYS A 80 6.38 -1.22 7.15
N PHE A 81 7.42 -0.79 6.43
CA PHE A 81 8.01 -1.58 5.31
C PHE A 81 8.65 -2.86 5.92
N ILE A 82 8.11 -4.01 5.49
CA ILE A 82 8.39 -5.36 6.07
C ILE A 82 9.45 -6.04 5.20
N LEU A 83 9.35 -5.86 3.89
CA LEU A 83 10.11 -6.64 2.89
C LEU A 83 10.18 -5.86 1.58
N VAL A 84 11.34 -5.85 0.98
CA VAL A 84 11.55 -5.63 -0.49
C VAL A 84 12.39 -6.79 -1.00
N ASP A 85 11.97 -7.35 -2.13
CA ASP A 85 12.63 -8.47 -2.82
C ASP A 85 12.80 -8.05 -4.29
N ASN A 86 14.02 -7.65 -4.66
CA ASN A 86 14.32 -7.12 -6.01
C ASN A 86 14.20 -8.27 -7.05
N GLU A 87 14.52 -9.49 -6.62
CA GLU A 87 14.39 -10.71 -7.46
C GLU A 87 12.94 -10.85 -7.96
N HIS A 88 11.94 -10.80 -7.05
CA HIS A 88 10.51 -11.02 -7.38
C HIS A 88 9.80 -9.68 -7.67
N ARG A 89 10.43 -8.55 -7.39
CA ARG A 89 9.80 -7.21 -7.43
C ARG A 89 8.57 -7.29 -6.53
N LEU A 90 8.78 -7.67 -5.28
CA LEU A 90 7.73 -7.85 -4.28
C LEU A 90 8.06 -6.95 -3.07
N LYS A 91 7.08 -6.19 -2.63
CA LYS A 91 7.15 -5.28 -1.47
C LYS A 91 6.00 -5.61 -0.53
N LYS A 92 6.24 -5.62 0.79
CA LYS A 92 5.20 -5.83 1.80
C LYS A 92 5.24 -4.69 2.84
N VAL A 93 4.05 -4.20 3.17
CA VAL A 93 3.82 -3.05 4.08
C VAL A 93 2.71 -3.47 5.04
N GLN A 94 3.02 -3.46 6.32
CA GLN A 94 2.09 -3.93 7.37
C GLN A 94 1.56 -2.71 8.13
N MET A 95 0.26 -2.65 8.42
CA MET A 95 -0.32 -1.67 9.37
C MET A 95 -0.05 -2.20 10.78
N ILE A 96 0.69 -1.44 11.59
CA ILE A 96 1.27 -1.90 12.89
C ILE A 96 0.52 -1.23 14.06
N GLU A 97 -0.26 -0.18 13.81
CA GLU A 97 -0.97 0.51 14.91
C GLU A 97 -2.02 1.48 14.39
N GLY A 98 -3.10 1.59 15.19
CA GLY A 98 -4.27 2.42 14.84
C GLY A 98 -5.05 1.85 13.67
N GLY A 99 -5.75 2.72 12.97
CA GLY A 99 -6.59 2.37 11.82
C GLY A 99 -7.48 1.23 12.18
N TYR A 100 -7.59 0.26 11.28
CA TYR A 100 -8.52 -0.89 11.37
C TYR A 100 -8.17 -1.73 12.58
N LEU A 101 -6.92 -1.65 13.07
CA LEU A 101 -6.49 -2.53 14.19
C LEU A 101 -7.30 -2.19 15.44
N ASP A 102 -7.98 -1.04 15.48
CA ASP A 102 -8.93 -0.63 16.55
C ASP A 102 -10.39 -0.94 16.15
N LEU A 103 -10.59 -1.79 15.15
CA LEU A 103 -11.93 -2.21 14.63
C LEU A 103 -11.88 -3.77 14.39
N GLY A 104 -11.14 -4.43 15.31
CA GLY A 104 -11.17 -5.89 15.53
C GLY A 104 -10.33 -6.62 14.51
N VAL A 105 -9.55 -5.87 13.73
CA VAL A 105 -8.55 -6.45 12.79
C VAL A 105 -7.30 -6.70 13.61
N THR A 106 -6.77 -7.92 13.56
CA THR A 106 -5.60 -8.36 14.36
C THR A 106 -4.35 -8.32 13.48
N TYR A 107 -4.52 -8.15 12.16
CA TYR A 107 -3.44 -8.31 11.14
C TYR A 107 -3.92 -7.70 9.83
N TYR A 108 -3.11 -6.81 9.27
CA TYR A 108 -3.40 -6.12 7.99
C TYR A 108 -2.07 -5.94 7.25
N MET A 109 -1.96 -6.55 6.06
CA MET A 109 -0.70 -6.59 5.30
C MET A 109 -0.98 -6.24 3.85
N ASP A 110 -0.37 -5.17 3.33
CA ASP A 110 -0.39 -4.82 1.88
C ASP A 110 0.76 -5.53 1.16
N THR A 111 0.50 -6.03 -0.04
CA THR A 111 1.54 -6.65 -0.90
C THR A 111 1.46 -6.03 -2.30
N ILE A 112 2.61 -5.68 -2.84
CA ILE A 112 2.75 -5.09 -4.20
C ILE A 112 3.76 -5.96 -4.92
N HIS A 113 3.33 -6.54 -6.03
CA HIS A 113 4.13 -7.42 -6.90
C HIS A 113 4.12 -6.78 -8.28
N VAL A 114 5.27 -6.37 -8.83
CA VAL A 114 5.31 -5.80 -10.21
C VAL A 114 5.77 -6.90 -11.18
N VAL A 115 4.91 -7.30 -12.11
CA VAL A 115 5.14 -8.52 -12.92
C VAL A 115 5.37 -8.12 -14.38
N PRO A 116 6.43 -8.65 -15.02
CA PRO A 116 6.72 -8.33 -16.40
C PRO A 116 5.63 -8.94 -17.30
N THR A 117 5.16 -8.19 -18.29
CA THR A 117 4.34 -8.72 -19.41
C THR A 117 4.96 -8.27 -20.73
N GLY A 118 6.20 -8.67 -21.01
CA GLY A 118 6.94 -8.30 -22.24
C GLY A 118 7.94 -7.17 -21.97
N LYS A 119 8.80 -6.87 -22.93
CA LYS A 119 9.97 -5.95 -22.77
C LYS A 119 9.52 -4.66 -22.05
N ASP A 120 8.57 -3.91 -22.63
CA ASP A 120 8.30 -2.48 -22.29
C ASP A 120 6.98 -2.32 -21.53
N SER A 121 6.49 -3.35 -20.83
CA SER A 121 5.15 -3.32 -20.17
C SER A 121 5.12 -4.21 -18.93
N CYS A 122 4.31 -3.87 -17.92
CA CYS A 122 4.07 -4.74 -16.75
C CYS A 122 2.67 -4.55 -16.18
N VAL A 123 2.33 -5.38 -15.19
CA VAL A 123 1.11 -5.20 -14.36
C VAL A 123 1.53 -5.05 -12.88
N ILE A 124 0.95 -4.07 -12.17
CA ILE A 124 1.05 -3.84 -10.70
C ILE A 124 -0.08 -4.63 -10.00
N LYS A 125 0.31 -5.73 -9.38
CA LYS A 125 -0.58 -6.61 -8.61
C LYS A 125 -0.50 -6.16 -7.15
N SER A 126 -1.50 -5.39 -6.69
CA SER A 126 -1.63 -4.94 -5.29
C SER A 126 -2.66 -5.84 -4.59
N SER A 127 -2.32 -6.34 -3.42
CA SER A 127 -3.26 -7.11 -2.59
C SER A 127 -3.23 -6.63 -1.12
N THR A 128 -4.30 -6.84 -0.39
CA THR A 128 -4.38 -6.66 1.08
C THR A 128 -4.96 -7.94 1.68
N GLU A 129 -4.27 -8.45 2.68
CA GLU A 129 -4.75 -9.57 3.52
C GLU A 129 -4.98 -9.04 4.93
N TYR A 130 -6.17 -9.31 5.50
CA TYR A 130 -6.48 -9.03 6.92
C TYR A 130 -7.14 -10.22 7.62
N HIS A 131 -6.84 -10.34 8.92
CA HIS A 131 -7.46 -11.25 9.92
C HIS A 131 -8.35 -10.38 10.83
N VAL A 132 -9.65 -10.67 10.91
CA VAL A 132 -10.63 -9.90 11.72
C VAL A 132 -11.46 -10.83 12.63
N LYS A 133 -11.70 -10.37 13.86
CA LYS A 133 -12.62 -11.06 14.80
C LYS A 133 -13.99 -11.20 14.14
N PRO A 134 -14.56 -12.43 14.12
CA PRO A 134 -15.70 -12.70 13.25
C PRO A 134 -16.89 -11.71 13.46
N GLU A 135 -17.09 -11.24 14.71
CA GLU A 135 -18.22 -10.30 15.02
C GLU A 135 -18.02 -8.97 14.26
N PHE A 136 -16.79 -8.58 13.94
CA PHE A 136 -16.51 -7.25 13.34
C PHE A 136 -16.53 -7.28 11.81
N VAL A 137 -16.83 -8.41 11.18
CA VAL A 137 -16.64 -8.59 9.72
C VAL A 137 -17.65 -7.74 8.95
N LYS A 138 -18.93 -7.72 9.41
CA LYS A 138 -20.02 -6.87 8.85
C LYS A 138 -19.57 -5.40 8.82
N ILE A 139 -18.85 -4.98 9.85
CA ILE A 139 -18.45 -3.56 10.08
C ILE A 139 -17.28 -3.22 9.13
N VAL A 140 -16.22 -4.01 9.14
CA VAL A 140 -14.96 -3.63 8.44
C VAL A 140 -14.97 -4.00 6.95
N GLU A 141 -15.64 -5.08 6.54
CA GLU A 141 -15.59 -5.53 5.12
C GLU A 141 -15.97 -4.38 4.17
N PRO A 142 -17.04 -3.59 4.43
CA PRO A 142 -17.32 -2.41 3.59
C PRO A 142 -16.25 -1.30 3.53
N LEU A 143 -15.36 -1.23 4.53
CA LEU A 143 -14.38 -0.11 4.74
C LEU A 143 -13.02 -0.44 4.09
N ILE A 144 -12.57 -1.69 4.18
CA ILE A 144 -11.27 -2.11 3.59
C ILE A 144 -11.50 -2.38 2.11
N THR A 145 -10.94 -1.48 1.28
CA THR A 145 -11.06 -1.43 -0.20
C THR A 145 -9.63 -1.33 -0.76
N THR A 146 -9.54 -1.43 -2.08
CA THR A 146 -8.29 -1.36 -2.86
C THR A 146 -7.89 0.12 -2.98
N GLY A 147 -8.85 1.02 -2.78
CA GLY A 147 -8.73 2.48 -2.96
C GLY A 147 -7.31 2.98 -2.70
N PRO A 148 -6.75 2.75 -1.49
CA PRO A 148 -5.39 3.19 -1.17
C PRO A 148 -4.28 2.69 -2.10
N LEU A 149 -4.31 1.41 -2.47
CA LEU A 149 -3.28 0.77 -3.32
C LEU A 149 -3.52 1.11 -4.80
N ALA A 150 -4.79 1.20 -5.25
CA ALA A 150 -5.17 1.70 -6.59
C ALA A 150 -4.58 3.09 -6.77
N ALA A 151 -4.75 3.98 -5.78
CA ALA A 151 -4.35 5.40 -5.86
C ALA A 151 -2.82 5.45 -5.96
N MET A 152 -2.12 4.53 -5.29
CA MET A 152 -0.63 4.42 -5.37
C MET A 152 -0.21 3.90 -6.74
N ALA A 153 -0.86 2.85 -7.22
CA ALA A 153 -0.61 2.24 -8.56
C ALA A 153 -0.79 3.31 -9.65
N ASP A 154 -1.94 3.99 -9.67
CA ASP A 154 -2.22 5.12 -10.59
C ASP A 154 -1.06 6.13 -10.55
N ALA A 155 -0.80 6.72 -9.37
CA ALA A 155 0.20 7.79 -9.14
C ALA A 155 1.58 7.35 -9.68
N ILE A 156 2.04 6.15 -9.30
CA ILE A 156 3.40 5.66 -9.69
C ILE A 156 3.45 5.55 -11.22
N SER A 157 2.43 4.89 -11.78
CA SER A 157 2.20 4.71 -13.25
C SER A 157 2.37 6.05 -14.01
N LYS A 158 1.77 7.14 -13.52
CA LYS A 158 1.73 8.42 -14.26
C LYS A 158 3.01 9.23 -14.00
N LEU A 159 3.69 8.99 -12.87
CA LEU A 159 5.08 9.46 -12.65
C LEU A 159 5.99 8.87 -13.72
N VAL A 160 5.91 7.55 -13.93
CA VAL A 160 6.92 6.80 -14.73
C VAL A 160 6.69 7.09 -16.21
N LEU A 161 5.42 7.12 -16.64
CA LEU A 161 5.05 7.30 -18.07
C LEU A 161 5.45 8.71 -18.52
N GLU A 162 5.48 9.66 -17.59
CA GLU A 162 5.88 11.06 -17.87
C GLU A 162 7.40 11.15 -17.90
N HIS A 163 8.12 10.38 -17.08
CA HIS A 163 9.62 10.37 -17.09
C HIS A 163 10.11 9.60 -18.32
N LYS A 164 9.43 8.54 -18.75
CA LYS A 164 9.84 7.70 -19.90
C LYS A 164 9.47 8.39 -21.23
N SER A 165 8.47 9.26 -21.24
CA SER A 165 7.90 9.83 -22.50
C SER A 165 8.83 10.93 -23.05
N1 QBW B . -0.40 3.65 2.57
C4 QBW B . 2.23 1.20 0.45
C5 QBW B . 1.76 2.06 1.43
C6 QBW B . 2.49 3.17 1.83
C7 QBW B . 2.04 4.10 2.94
C8 QBW B . 0.63 4.66 2.86
C10 QBW B . -1.85 4.80 0.94
C13 QBW B . -3.75 6.80 0.45
C15 QBW B . -1.93 5.43 -0.30
C1 QBW B . 3.75 3.35 1.27
C2 QBW B . 4.24 2.51 0.29
C3 QBW B . 3.47 1.41 -0.12
O1 QBW B . 5.47 2.72 -0.27
O2 QBW B . 3.96 0.58 -1.09
C9 QBW B . -0.85 3.70 1.19
C11 QBW B . -2.74 5.20 1.93
C12 QBW B . -3.68 6.19 1.69
C14 QBW B . -2.88 6.41 -0.54
#